data_8D0M
#
_entry.id   8D0M
#
_cell.length_a   63.612
_cell.length_b   129.018
_cell.length_c   81.712
_cell.angle_alpha   90.000
_cell.angle_beta   90.000
_cell.angle_gamma   90.000
#
_symmetry.space_group_name_H-M   'C 2 2 21'
#
loop_
_entity.id
_entity.type
_entity.pdbx_description
1 polymer 'ADP-ribosyl cyclase/cyclic ADP-ribose hydrolase 1'
2 non-polymer '[[(2~{R},3~{S},4~{R},5~{R})-5-(6-aminopurin-9-yl)-3,4-bis(oxidanyl)oxolan-2-yl]methoxy-oxidanyl-phosphoryl] [(2~{R},3~{S},4~{R},5~{R})-5-[5-[4-[[4-(2-methoxyethoxy)cyclohexyl]amino]-1-methyl-2-oxidanylidene-quinolin-6-yl]-1,3-thiazol-3-yl]-3,4-bis(oxidanyl)oxolan-2-yl]methyl hydrogen phosphate'
3 water water
#
_entity_poly.entity_id   1
_entity_poly.type   'polypeptide(L)'
_entity_poly.pdbx_seq_one_letter_code
;RWRQQWSGPGTTKRFPETVLARCVKYTEIHPEMRHVDCQSVWDAFKGAFISKHPCDITEEDYQPLMKLGTQTVPCNKILL
WSRIKDLAHQFTQVQRDMFTLEDTLLGYLADDLTWCGEFATSKINYQSCPDWRKDCSNNPVSVFWKTVSRRFAEAACDVV
HVMLDGSRSKIFDKDSTFGSVEVHNLQPEKVQTLEAWVIHGGREDSRDLCQDPTIKELESIISKRNIQFSCKNIYRPDKF
LQCVKNPEDSSCTSEIGGSENLYFQ
;
_entity_poly.pdbx_strand_id   A
#
loop_
_chem_comp.id
_chem_comp.type
_chem_comp.name
_chem_comp.formula
Q2C non-polymer '[[(2~{R},3~{S},4~{R},5~{R})-5-(6-aminopurin-9-yl)-3,4-bis(oxidanyl)oxolan-2-yl]methoxy-oxidanyl-phosphoryl] [(2~{R},3~{S},4~{R},5~{R})-5-[5-[4-[[4-(2-methoxyethoxy)cyclohexyl]amino]-1-methyl-2-oxidanylidene-quinolin-6-yl]-1,3-thiazol-3-yl]-3,4-bis(oxidanyl)oxolan-2-yl]methyl hydrogen phosphate' 'C37 H49 N8 O16 P2 S 1'
#
# COMPACT_ATOMS: atom_id res chain seq x y z
N ARG A 1 7.74 29.36 -10.27
CA ARG A 1 6.81 28.81 -9.28
C ARG A 1 6.66 29.74 -8.09
N TRP A 2 5.53 29.65 -7.39
CA TRP A 2 5.39 30.39 -6.13
C TRP A 2 5.43 29.44 -4.95
N ARG A 3 5.47 30.04 -3.76
CA ARG A 3 5.63 29.28 -2.52
C ARG A 3 4.46 28.31 -2.34
N GLN A 4 4.81 27.04 -2.07
CA GLN A 4 3.85 25.96 -1.87
C GLN A 4 3.07 25.61 -3.13
N GLN A 5 3.54 26.03 -4.31
CA GLN A 5 2.95 25.56 -5.56
C GLN A 5 3.45 24.15 -5.83
N TRP A 6 2.55 23.18 -5.79
CA TRP A 6 2.87 21.79 -6.05
C TRP A 6 2.26 21.37 -7.39
N SER A 7 2.77 20.25 -7.91
CA SER A 7 2.36 19.74 -9.21
C SER A 7 1.22 18.74 -9.15
N GLY A 8 0.89 18.21 -7.98
CA GLY A 8 -0.11 17.17 -7.87
C GLY A 8 -1.46 17.73 -7.49
N PRO A 9 -2.51 16.91 -7.65
CA PRO A 9 -3.85 17.36 -7.28
C PRO A 9 -3.93 17.70 -5.79
N GLY A 10 -4.80 18.65 -5.48
CA GLY A 10 -4.99 19.07 -4.11
C GLY A 10 -5.67 17.98 -3.30
N THR A 11 -5.83 18.26 -2.01
CA THR A 11 -6.44 17.30 -1.12
C THR A 11 -7.85 16.96 -1.61
N THR A 12 -8.17 15.66 -1.62
CA THR A 12 -9.47 15.22 -2.09
C THR A 12 -10.58 16.04 -1.44
N LYS A 13 -11.51 16.53 -2.25
CA LYS A 13 -12.65 17.28 -1.71
C LYS A 13 -13.34 16.51 -0.60
N ARG A 14 -13.62 17.19 0.51
CA ARG A 14 -14.28 16.60 1.67
C ARG A 14 -13.48 15.43 2.26
N PHE A 15 -12.15 15.52 2.18
CA PHE A 15 -11.27 14.49 2.74
C PHE A 15 -11.54 14.17 4.20
N PRO A 16 -11.65 15.14 5.12
CA PRO A 16 -11.98 14.76 6.51
C PRO A 16 -13.26 13.95 6.64
N GLU A 17 -14.34 14.36 5.96
CA GLU A 17 -15.60 13.64 6.09
C GLU A 17 -15.49 12.25 5.48
N THR A 18 -14.74 12.12 4.37
CA THR A 18 -14.58 10.83 3.71
C THR A 18 -13.81 9.85 4.59
N VAL A 19 -12.69 10.29 5.18
CA VAL A 19 -11.92 9.38 6.03
C VAL A 19 -12.77 8.93 7.22
N LEU A 20 -13.49 9.86 7.85
CA LEU A 20 -14.34 9.49 8.98
C LEU A 20 -15.42 8.49 8.56
N ALA A 21 -16.12 8.77 7.47
CA ALA A 21 -17.17 7.86 7.00
C ALA A 21 -16.61 6.49 6.67
N ARG A 22 -15.40 6.45 6.08
CA ARG A 22 -14.78 5.17 5.73
C ARG A 22 -14.40 4.38 6.97
N CYS A 23 -13.92 5.08 8.00
CA CYS A 23 -13.63 4.43 9.27
C CYS A 23 -14.91 3.87 9.88
N VAL A 24 -16.01 4.61 9.79
CA VAL A 24 -17.28 4.14 10.33
C VAL A 24 -17.74 2.89 9.61
N LYS A 25 -17.72 2.92 8.28
CA LYS A 25 -18.17 1.76 7.51
C LYS A 25 -17.26 0.56 7.71
N TYR A 26 -15.95 0.78 7.79
CA TYR A 26 -15.05 -0.35 8.05
C TYR A 26 -15.35 -1.00 9.39
N THR A 27 -15.57 -0.21 10.43
CA THR A 27 -15.92 -0.75 11.75
C THR A 27 -17.15 -1.63 11.70
N GLU A 28 -17.99 -1.50 10.68
CA GLU A 28 -19.21 -2.29 10.57
C GLU A 28 -19.03 -3.55 9.74
N ILE A 29 -18.23 -3.49 8.66
CA ILE A 29 -17.90 -4.71 7.92
C ILE A 29 -17.10 -5.66 8.80
N HIS A 30 -16.33 -5.11 9.74
CA HIS A 30 -15.36 -5.88 10.52
C HIS A 30 -15.67 -5.68 12.00
N PRO A 31 -16.53 -6.51 12.59
CA PRO A 31 -16.77 -6.41 14.05
C PRO A 31 -15.51 -6.53 14.89
N GLU A 32 -14.42 -7.09 14.35
CA GLU A 32 -13.15 -7.15 15.08
C GLU A 32 -12.63 -5.76 15.42
N MET A 33 -12.95 -4.75 14.60
CA MET A 33 -12.37 -3.42 14.73
C MET A 33 -13.32 -2.39 15.36
N ARG A 34 -14.47 -2.82 15.89
CA ARG A 34 -15.39 -1.88 16.53
C ARG A 34 -14.81 -1.25 17.80
N HIS A 35 -13.70 -1.77 18.33
CA HIS A 35 -13.00 -1.10 19.42
C HIS A 35 -12.37 0.23 18.99
N VAL A 36 -12.44 0.57 17.71
CA VAL A 36 -11.79 1.74 17.16
C VAL A 36 -12.70 2.96 17.32
N ASP A 37 -12.17 4.03 17.92
CA ASP A 37 -12.87 5.31 17.95
C ASP A 37 -12.49 6.09 16.71
N CYS A 38 -13.46 6.27 15.81
CA CYS A 38 -13.15 6.80 14.49
C CYS A 38 -12.78 8.28 14.56
N GLN A 39 -13.33 9.01 15.52
CA GLN A 39 -12.93 10.40 15.67
C GLN A 39 -11.49 10.48 16.14
N SER A 40 -11.07 9.55 17.00
CA SER A 40 -9.67 9.47 17.41
C SER A 40 -8.77 9.11 16.23
N VAL A 41 -9.23 8.16 15.39
CA VAL A 41 -8.46 7.78 14.21
C VAL A 41 -8.25 8.98 13.32
N TRP A 42 -9.32 9.74 13.04
CA TRP A 42 -9.19 10.89 12.16
C TRP A 42 -8.26 11.95 12.77
N ASP A 43 -8.44 12.25 14.07
CA ASP A 43 -7.56 13.21 14.72
C ASP A 43 -6.09 12.83 14.53
N ALA A 44 -5.76 11.56 14.72
CA ALA A 44 -4.37 11.12 14.55
C ALA A 44 -3.93 11.27 13.09
N PHE A 45 -4.81 10.95 12.14
CA PHE A 45 -4.50 11.09 10.73
C PHE A 45 -4.18 12.54 10.39
N LYS A 46 -5.10 13.44 10.75
CA LYS A 46 -4.92 14.88 10.57
C LYS A 46 -3.64 15.37 11.25
N GLY A 47 -3.37 14.88 12.46
CA GLY A 47 -2.19 15.31 13.18
C GLY A 47 -0.89 14.92 12.51
N ALA A 48 -0.92 13.89 11.65
CA ALA A 48 0.32 13.44 11.02
C ALA A 48 0.86 14.48 10.03
N PHE A 49 0.00 15.25 9.39
CA PHE A 49 0.47 16.13 8.32
C PHE A 49 0.07 17.60 8.47
N ILE A 50 -0.92 17.92 9.30
CA ILE A 50 -1.35 19.31 9.43
C ILE A 50 -0.27 20.13 10.12
N SER A 51 -0.06 21.35 9.64
CA SER A 51 0.94 22.29 10.12
C SER A 51 2.37 21.86 9.82
N LYS A 52 2.57 20.75 9.11
CA LYS A 52 3.92 20.32 8.78
C LYS A 52 4.16 20.58 7.29
N HIS A 53 5.42 20.86 6.95
CA HIS A 53 5.72 21.16 5.57
C HIS A 53 5.50 19.88 4.76
N PRO A 54 4.75 19.94 3.67
CA PRO A 54 4.39 18.71 2.94
C PRO A 54 5.53 18.12 2.13
N CYS A 55 6.74 18.67 2.23
CA CYS A 55 7.90 18.02 1.65
C CYS A 55 8.80 17.44 2.74
N ASP A 56 8.35 17.44 3.99
CA ASP A 56 9.23 17.06 5.11
C ASP A 56 8.49 16.15 6.09
N ILE A 57 7.67 15.26 5.56
CA ILE A 57 6.92 14.34 6.43
C ILE A 57 7.80 13.14 6.80
N THR A 58 7.60 12.61 8.01
CA THR A 58 8.37 11.51 8.55
C THR A 58 7.47 10.32 8.83
N GLU A 59 8.06 9.13 8.89
CA GLU A 59 7.31 7.96 9.33
C GLU A 59 6.76 8.18 10.74
N GLU A 60 7.54 8.81 11.62
CA GLU A 60 7.05 9.03 12.98
C GLU A 60 5.80 9.88 13.01
N ASP A 61 5.61 10.78 12.03
CA ASP A 61 4.38 11.56 11.95
C ASP A 61 3.14 10.66 11.97
N TYR A 62 3.23 9.50 11.34
CA TYR A 62 2.10 8.59 11.24
C TYR A 62 2.04 7.56 12.37
N GLN A 63 2.97 7.61 13.30
CA GLN A 63 2.98 6.61 14.37
C GLN A 63 1.74 6.65 15.26
N PRO A 64 1.23 7.81 15.69
CA PRO A 64 -0.06 7.79 16.39
C PRO A 64 -1.16 7.10 15.61
N LEU A 65 -1.24 7.34 14.30
CA LEU A 65 -2.28 6.71 13.50
C LEU A 65 -2.06 5.21 13.38
N MET A 66 -0.82 4.77 13.17
CA MET A 66 -0.55 3.33 13.11
C MET A 66 -1.05 2.63 14.37
N LYS A 67 -0.84 3.26 15.54
CA LYS A 67 -1.26 2.66 16.80
C LYS A 67 -2.77 2.48 16.86
N LEU A 68 -3.53 3.53 16.53
CA LEU A 68 -4.98 3.45 16.59
C LEU A 68 -5.57 2.54 15.51
N GLY A 69 -4.86 2.36 14.39
CA GLY A 69 -5.33 1.48 13.36
C GLY A 69 -4.64 0.13 13.36
N THR A 70 -4.00 -0.23 14.48
CA THR A 70 -3.39 -1.55 14.60
C THR A 70 -4.45 -2.61 14.33
N GLN A 71 -4.10 -3.58 13.48
CA GLN A 71 -5.07 -4.58 13.07
C GLN A 71 -4.33 -5.87 12.81
N THR A 72 -4.81 -6.95 13.41
CA THR A 72 -4.22 -8.26 13.22
C THR A 72 -4.98 -8.93 12.09
N VAL A 73 -4.27 -9.23 11.00
CA VAL A 73 -4.83 -10.05 9.94
C VAL A 73 -3.94 -11.28 9.85
N PRO A 74 -4.45 -12.43 9.43
CA PRO A 74 -3.63 -13.66 9.44
C PRO A 74 -2.39 -13.45 8.58
N CYS A 75 -1.21 -13.61 9.18
CA CYS A 75 0.02 -13.26 8.49
C CYS A 75 0.29 -14.17 7.30
N ASN A 76 -0.30 -15.37 7.29
CA ASN A 76 -0.16 -16.34 6.22
C ASN A 76 -1.17 -16.13 5.11
N LYS A 77 -2.03 -15.11 5.21
CA LYS A 77 -3.10 -14.86 4.24
C LYS A 77 -2.96 -13.49 3.56
N ILE A 78 -1.74 -13.01 3.42
CA ILE A 78 -1.44 -11.69 2.85
C ILE A 78 -1.36 -11.80 1.34
N LEU A 79 -1.95 -10.84 0.64
CA LEU A 79 -1.76 -10.71 -0.81
C LEU A 79 -1.14 -9.36 -1.11
N LEU A 80 0.14 -9.35 -1.47
CA LEU A 80 0.74 -8.17 -2.08
C LEU A 80 0.40 -8.16 -3.58
N TRP A 81 0.60 -7.00 -4.21
CA TRP A 81 0.27 -6.87 -5.63
C TRP A 81 1.05 -5.70 -6.21
N SER A 82 1.16 -5.67 -7.54
CA SER A 82 1.81 -4.55 -8.18
C SER A 82 1.20 -4.38 -9.56
N ARG A 83 0.59 -3.21 -9.79
CA ARG A 83 0.07 -2.82 -11.10
C ARG A 83 -1.06 -3.71 -11.58
N ILE A 84 -1.75 -4.38 -10.66
CA ILE A 84 -2.91 -5.17 -11.03
C ILE A 84 -3.92 -5.01 -9.91
N LYS A 85 -4.23 -3.75 -9.61
CA LYS A 85 -5.06 -3.43 -8.45
C LYS A 85 -6.46 -4.02 -8.58
N ASP A 86 -7.08 -3.91 -9.75
CA ASP A 86 -8.45 -4.35 -9.90
C ASP A 86 -8.60 -5.83 -9.59
N LEU A 87 -7.82 -6.67 -10.29
CA LEU A 87 -7.96 -8.11 -10.10
C LEU A 87 -7.57 -8.53 -8.68
N ALA A 88 -6.51 -7.93 -8.14
CA ALA A 88 -6.09 -8.26 -6.78
C ALA A 88 -7.23 -8.06 -5.78
N HIS A 89 -8.00 -6.97 -5.95
CA HIS A 89 -9.04 -6.70 -4.96
C HIS A 89 -10.30 -7.50 -5.26
N GLN A 90 -10.62 -7.71 -6.53
CA GLN A 90 -11.69 -8.65 -6.84
C GLN A 90 -11.35 -10.03 -6.31
N PHE A 91 -10.07 -10.42 -6.33
CA PHE A 91 -9.68 -11.70 -5.78
C PHE A 91 -9.98 -11.78 -4.29
N THR A 92 -9.59 -10.77 -3.52
CA THR A 92 -9.82 -10.89 -2.08
C THR A 92 -11.26 -10.60 -1.70
N GLN A 93 -12.02 -9.92 -2.56
CA GLN A 93 -13.44 -9.73 -2.28
C GLN A 93 -14.21 -11.03 -2.44
N VAL A 94 -13.75 -11.92 -3.31
CA VAL A 94 -14.31 -13.28 -3.38
C VAL A 94 -13.80 -14.13 -2.23
N GLN A 95 -12.47 -14.31 -2.16
CA GLN A 95 -11.87 -15.08 -1.08
C GLN A 95 -12.36 -14.63 0.29
N ARG A 96 -12.40 -13.31 0.52
CA ARG A 96 -12.77 -12.72 1.81
C ARG A 96 -11.82 -13.18 2.92
N ASP A 97 -11.03 -14.20 2.61
CA ASP A 97 -10.02 -14.80 3.48
C ASP A 97 -8.70 -14.04 3.43
N MET A 98 -8.21 -13.79 2.21
CA MET A 98 -6.94 -13.11 1.99
C MET A 98 -7.13 -11.59 2.06
N PHE A 99 -6.07 -10.91 2.49
CA PHE A 99 -6.09 -9.47 2.71
C PHE A 99 -5.01 -8.80 1.86
N THR A 100 -5.41 -7.85 1.02
CA THR A 100 -4.47 -6.85 0.57
C THR A 100 -4.39 -5.73 1.60
N LEU A 101 -3.45 -4.80 1.39
CA LEU A 101 -3.30 -3.68 2.30
C LEU A 101 -4.56 -2.82 2.32
N GLU A 102 -5.24 -2.68 1.18
CA GLU A 102 -6.49 -1.94 1.09
C GLU A 102 -7.63 -2.61 1.84
N ASP A 103 -7.48 -3.87 2.23
CA ASP A 103 -8.49 -4.55 3.00
C ASP A 103 -8.28 -4.39 4.50
N THR A 104 -7.17 -3.77 4.90
CA THR A 104 -6.97 -3.38 6.28
C THR A 104 -7.59 -2.01 6.52
N LEU A 105 -7.77 -1.67 7.79
CA LEU A 105 -8.45 -0.42 8.12
C LEU A 105 -7.70 0.76 7.54
N LEU A 106 -6.39 0.82 7.81
CA LEU A 106 -5.61 1.97 7.37
C LEU A 106 -5.55 2.08 5.85
N GLY A 107 -5.37 0.95 5.15
CA GLY A 107 -5.37 1.00 3.70
C GLY A 107 -6.72 1.41 3.14
N TYR A 108 -7.79 0.84 3.70
CA TYR A 108 -9.15 1.22 3.33
C TYR A 108 -9.37 2.73 3.48
N LEU A 109 -8.93 3.30 4.62
CA LEU A 109 -9.12 4.72 4.88
C LEU A 109 -8.54 5.60 3.77
N ALA A 110 -7.34 5.27 3.30
CA ALA A 110 -6.57 6.17 2.44
C ALA A 110 -6.73 5.86 0.96
N ASP A 111 -7.26 4.68 0.62
CA ASP A 111 -7.26 4.22 -0.76
C ASP A 111 -7.83 5.26 -1.72
N ASP A 112 -7.01 5.65 -2.70
CA ASP A 112 -7.36 6.58 -3.77
C ASP A 112 -7.64 8.00 -3.29
N LEU A 113 -7.18 8.36 -2.10
CA LEU A 113 -7.29 9.74 -1.63
C LEU A 113 -5.92 10.43 -1.72
N THR A 114 -5.97 11.76 -1.77
CA THR A 114 -4.75 12.55 -1.65
C THR A 114 -4.98 13.66 -0.63
N TRP A 115 -3.91 14.03 0.08
CA TRP A 115 -4.00 15.01 1.17
C TRP A 115 -2.66 15.68 1.39
N CYS A 116 -2.70 16.91 1.90
CA CYS A 116 -1.48 17.58 2.36
C CYS A 116 -1.87 18.86 3.09
N GLY A 117 -0.93 19.35 3.88
CA GLY A 117 -1.15 20.53 4.70
C GLY A 117 -0.58 21.77 4.01
N GLU A 118 -1.23 22.92 4.28
CA GLU A 118 -0.68 24.26 4.02
C GLU A 118 0.28 24.57 5.14
N PHE A 119 1.57 24.55 4.86
CA PHE A 119 2.52 24.69 5.95
C PHE A 119 2.39 26.05 6.64
N ALA A 120 2.67 26.08 7.95
CA ALA A 120 2.58 27.26 8.82
C ALA A 120 1.14 27.68 9.09
N THR A 121 0.16 26.85 8.71
CA THR A 121 -1.22 27.05 9.11
C THR A 121 -1.70 25.73 9.68
N SER A 122 -2.92 25.72 10.20
CA SER A 122 -3.56 24.46 10.52
C SER A 122 -4.52 24.01 9.42
N LYS A 123 -4.40 24.56 8.22
CA LYS A 123 -5.37 24.26 7.16
C LYS A 123 -4.88 23.18 6.21
N ILE A 124 -5.85 22.50 5.64
CA ILE A 124 -5.64 21.51 4.59
C ILE A 124 -5.43 22.24 3.27
N ASN A 125 -4.47 21.79 2.47
CA ASN A 125 -4.21 22.37 1.15
C ASN A 125 -5.10 21.67 0.12
N TYR A 126 -6.17 22.35 -0.31
CA TYR A 126 -7.07 21.86 -1.35
C TYR A 126 -6.66 22.28 -2.75
N GLN A 127 -5.60 23.07 -2.89
CA GLN A 127 -5.19 23.53 -4.21
C GLN A 127 -4.26 22.55 -4.90
N SER A 128 -3.20 22.09 -4.22
CA SER A 128 -2.28 21.15 -4.85
C SER A 128 -1.51 20.44 -3.75
N CYS A 129 -0.98 19.28 -4.08
CA CYS A 129 -0.16 18.53 -3.14
C CYS A 129 1.06 18.02 -3.87
N PRO A 130 2.18 17.84 -3.17
CA PRO A 130 3.42 17.47 -3.85
C PRO A 130 3.28 16.17 -4.63
N ASP A 131 3.80 16.19 -5.86
CA ASP A 131 4.01 14.98 -6.64
C ASP A 131 5.34 14.34 -6.22
N TRP A 132 5.31 13.02 -5.99
CA TRP A 132 6.49 12.32 -5.49
C TRP A 132 7.69 12.52 -6.41
N ARG A 133 7.49 12.46 -7.72
CA ARG A 133 8.62 12.57 -8.63
C ARG A 133 9.01 14.02 -8.87
N LYS A 134 8.04 14.86 -9.23
CA LYS A 134 8.38 16.20 -9.68
C LYS A 134 8.61 17.18 -8.55
N ASP A 135 8.02 16.96 -7.37
CA ASP A 135 8.07 17.96 -6.30
C ASP A 135 8.95 17.50 -5.14
N CYS A 136 8.57 16.44 -4.43
CA CYS A 136 9.36 15.97 -3.30
C CYS A 136 8.83 14.60 -2.87
N SER A 137 9.74 13.79 -2.36
CA SER A 137 9.41 12.39 -2.07
C SER A 137 8.78 12.22 -0.70
N ASN A 138 9.10 13.10 0.24
CA ASN A 138 8.62 12.92 1.62
C ASN A 138 7.35 13.72 1.86
N ASN A 139 6.35 13.48 1.03
CA ASN A 139 5.08 14.16 1.11
C ASN A 139 4.09 13.31 1.91
N PRO A 140 2.98 13.89 2.39
CA PRO A 140 2.11 13.15 3.31
C PRO A 140 1.58 11.83 2.76
N VAL A 141 1.18 11.81 1.49
CA VAL A 141 0.66 10.58 0.89
C VAL A 141 1.76 9.54 0.70
N SER A 142 2.86 9.92 0.04
CA SER A 142 3.91 8.93 -0.23
C SER A 142 4.47 8.37 1.06
N VAL A 143 4.64 9.21 2.08
CA VAL A 143 5.21 8.75 3.33
C VAL A 143 4.24 7.81 4.03
N PHE A 144 2.93 8.13 3.97
CA PHE A 144 1.93 7.22 4.52
C PHE A 144 2.04 5.83 3.90
N TRP A 145 2.04 5.75 2.57
CA TRP A 145 2.03 4.44 1.91
C TRP A 145 3.35 3.71 2.11
N LYS A 146 4.48 4.42 2.11
CA LYS A 146 5.75 3.78 2.41
C LYS A 146 5.71 3.13 3.80
N THR A 147 5.18 3.88 4.79
CA THR A 147 5.17 3.39 6.17
C THR A 147 4.20 2.23 6.36
N VAL A 148 2.96 2.37 5.87
CA VAL A 148 2.02 1.26 6.09
C VAL A 148 2.36 0.06 5.21
N SER A 149 2.95 0.26 4.02
CA SER A 149 3.30 -0.91 3.22
C SER A 149 4.46 -1.68 3.85
N ARG A 150 5.43 -0.97 4.40
CA ARG A 150 6.52 -1.62 5.15
C ARG A 150 5.98 -2.41 6.34
N ARG A 151 5.05 -1.84 7.11
CA ARG A 151 4.53 -2.55 8.28
C ARG A 151 3.70 -3.76 7.87
N PHE A 152 2.95 -3.64 6.77
CA PHE A 152 2.22 -4.78 6.19
C PHE A 152 3.19 -5.90 5.77
N ALA A 153 4.26 -5.54 5.08
CA ALA A 153 5.26 -6.53 4.66
C ALA A 153 5.96 -7.16 5.85
N GLU A 154 6.24 -6.35 6.88
CA GLU A 154 6.91 -6.84 8.08
C GLU A 154 6.05 -7.84 8.84
N ALA A 155 4.73 -7.74 8.70
CA ALA A 155 3.81 -8.59 9.42
C ALA A 155 3.53 -9.91 8.70
N ALA A 156 3.83 -10.01 7.41
CA ALA A 156 3.55 -11.23 6.65
C ALA A 156 4.43 -12.39 7.14
N CYS A 157 3.96 -13.62 6.89
CA CYS A 157 4.68 -14.82 7.32
C CYS A 157 4.35 -15.98 6.38
N ASP A 158 5.08 -17.09 6.55
CA ASP A 158 4.80 -18.37 5.86
C ASP A 158 4.97 -18.16 4.35
N VAL A 159 3.93 -18.33 3.55
CA VAL A 159 3.99 -18.09 2.10
C VAL A 159 3.27 -16.78 1.81
N VAL A 160 4.03 -15.80 1.32
CA VAL A 160 3.46 -14.50 0.93
C VAL A 160 3.23 -14.52 -0.57
N HIS A 161 2.03 -14.16 -0.99
CA HIS A 161 1.69 -14.15 -2.40
C HIS A 161 1.73 -12.72 -2.91
N VAL A 162 2.21 -12.55 -4.14
CA VAL A 162 2.18 -11.26 -4.81
C VAL A 162 1.61 -11.46 -6.21
N MET A 163 0.57 -10.70 -6.53
CA MET A 163 -0.05 -10.70 -7.85
C MET A 163 0.63 -9.65 -8.71
N LEU A 164 1.04 -10.03 -9.93
CA LEU A 164 1.78 -9.17 -10.83
C LEU A 164 1.14 -9.20 -12.21
N ASP A 165 1.31 -8.11 -12.97
CA ASP A 165 0.64 -7.98 -14.27
C ASP A 165 1.57 -8.50 -15.35
N GLY A 166 1.26 -9.69 -15.88
CA GLY A 166 2.11 -10.27 -16.90
C GLY A 166 2.05 -9.60 -18.25
N SER A 167 1.03 -8.78 -18.50
CA SER A 167 0.92 -8.04 -19.74
C SER A 167 1.76 -6.74 -19.77
N ARG A 168 2.59 -6.50 -18.75
CA ARG A 168 3.39 -5.28 -18.66
C ARG A 168 4.81 -5.51 -19.15
N SER A 169 5.48 -4.42 -19.49
CA SER A 169 6.86 -4.51 -19.96
C SER A 169 7.82 -4.78 -18.82
N LYS A 170 7.49 -4.31 -17.61
CA LYS A 170 8.26 -4.62 -16.41
C LYS A 170 7.30 -5.35 -15.47
N ILE A 171 7.20 -6.67 -15.63
CA ILE A 171 6.33 -7.48 -14.78
C ILE A 171 6.64 -7.23 -13.31
N PHE A 172 7.93 -7.26 -12.98
CA PHE A 172 8.43 -6.82 -11.68
C PHE A 172 9.22 -5.53 -11.88
N ASP A 173 8.88 -4.51 -11.10
CA ASP A 173 9.55 -3.21 -11.17
C ASP A 173 10.21 -2.98 -9.82
N LYS A 174 11.55 -2.98 -9.80
CA LYS A 174 12.29 -2.76 -8.57
C LYS A 174 11.98 -1.42 -7.93
N ASP A 175 11.44 -0.46 -8.70
CA ASP A 175 11.13 0.87 -8.16
C ASP A 175 9.70 1.00 -7.63
N SER A 176 8.83 0.00 -7.83
CA SER A 176 7.46 0.07 -7.31
C SER A 176 7.46 0.02 -5.79
N THR A 177 6.29 0.26 -5.18
CA THR A 177 6.16 0.05 -3.74
C THR A 177 6.51 -1.39 -3.39
N PHE A 178 6.01 -2.36 -4.16
CA PHE A 178 6.34 -3.75 -3.90
C PHE A 178 7.85 -4.01 -4.02
N GLY A 179 8.47 -3.53 -5.10
CA GLY A 179 9.88 -3.81 -5.32
C GLY A 179 10.84 -3.08 -4.41
N SER A 180 10.46 -1.89 -3.94
CA SER A 180 11.41 -1.04 -3.23
C SER A 180 11.19 -0.95 -1.73
N VAL A 181 10.01 -1.32 -1.24
CA VAL A 181 9.69 -1.31 0.18
C VAL A 181 9.26 -2.70 0.67
N GLU A 182 8.31 -3.31 -0.02
CA GLU A 182 7.70 -4.50 0.56
C GLU A 182 8.63 -5.71 0.49
N VAL A 183 9.25 -5.94 -0.67
CA VAL A 183 10.04 -7.16 -0.82
C VAL A 183 11.24 -7.14 0.14
N HIS A 184 11.82 -5.97 0.37
CA HIS A 184 12.97 -5.86 1.26
C HIS A 184 12.59 -5.86 2.74
N ASN A 185 11.31 -5.85 3.08
CA ASN A 185 10.94 -5.88 4.49
C ASN A 185 10.25 -7.18 4.88
N LEU A 186 10.20 -8.16 3.97
CA LEU A 186 9.79 -9.51 4.32
C LEU A 186 10.83 -10.12 5.26
N GLN A 187 10.37 -10.68 6.38
CA GLN A 187 11.30 -11.13 7.40
C GLN A 187 11.56 -12.61 7.24
N PRO A 188 12.82 -13.00 7.00
CA PRO A 188 13.09 -14.41 6.66
C PRO A 188 12.79 -15.35 7.78
N GLU A 189 12.78 -14.86 9.02
CA GLU A 189 12.40 -15.70 10.13
C GLU A 189 10.93 -16.11 10.05
N LYS A 190 10.06 -15.18 9.63
CA LYS A 190 8.63 -15.44 9.54
C LYS A 190 8.22 -15.99 8.18
N VAL A 191 8.89 -15.59 7.11
CA VAL A 191 8.46 -15.87 5.74
C VAL A 191 9.33 -16.97 5.18
N GLN A 192 8.70 -18.07 4.74
CA GLN A 192 9.46 -19.12 4.10
C GLN A 192 9.54 -18.94 2.59
N THR A 193 8.46 -18.44 1.97
CA THR A 193 8.36 -18.37 0.52
C THR A 193 7.62 -17.11 0.10
N LEU A 194 8.15 -16.44 -0.91
CA LEU A 194 7.42 -15.46 -1.71
C LEU A 194 6.97 -16.15 -3.00
N GLU A 195 5.66 -16.19 -3.22
CA GLU A 195 5.09 -16.81 -4.41
C GLU A 195 4.47 -15.73 -5.29
N ALA A 196 4.97 -15.59 -6.51
CA ALA A 196 4.44 -14.63 -7.46
C ALA A 196 3.38 -15.29 -8.34
N TRP A 197 2.23 -14.64 -8.45
CA TRP A 197 1.21 -15.01 -9.43
C TRP A 197 1.31 -14.02 -10.58
N VAL A 198 1.77 -14.47 -11.73
CA VAL A 198 1.90 -13.60 -12.90
C VAL A 198 0.65 -13.79 -13.76
N ILE A 199 -0.18 -12.76 -13.79
CA ILE A 199 -1.46 -12.80 -14.49
C ILE A 199 -1.22 -12.47 -15.95
N HIS A 200 -1.69 -13.33 -16.84
CA HIS A 200 -1.57 -13.05 -18.28
C HIS A 200 -2.69 -12.12 -18.73
N GLY A 201 -2.39 -11.27 -19.71
CA GLY A 201 -3.36 -10.32 -20.22
C GLY A 201 -4.02 -10.74 -21.52
N GLU A 204 -2.94 -13.00 -26.30
CA GLU A 204 -2.73 -14.24 -25.58
C GLU A 204 -1.26 -14.67 -25.59
N ASP A 205 -0.65 -14.67 -24.40
CA ASP A 205 0.76 -14.94 -24.19
C ASP A 205 0.90 -16.36 -23.62
N SER A 206 1.34 -17.30 -24.45
CA SER A 206 1.55 -18.67 -23.99
C SER A 206 2.89 -18.87 -23.29
N ARG A 207 3.73 -17.84 -23.22
CA ARG A 207 5.04 -18.00 -22.62
C ARG A 207 4.93 -18.31 -21.12
N ASP A 208 5.98 -18.94 -20.60
CA ASP A 208 6.21 -19.06 -19.17
C ASP A 208 6.75 -17.72 -18.68
N LEU A 209 5.88 -16.88 -18.11
CA LEU A 209 6.36 -15.57 -17.73
C LEU A 209 7.21 -15.61 -16.48
N CYS A 210 7.31 -16.77 -15.81
CA CYS A 210 8.27 -16.91 -14.72
C CYS A 210 9.71 -16.89 -15.20
N GLN A 211 9.92 -17.02 -16.52
CA GLN A 211 11.23 -16.88 -17.12
C GLN A 211 11.57 -15.43 -17.43
N ASP A 212 10.61 -14.52 -17.29
CA ASP A 212 10.87 -13.13 -17.62
C ASP A 212 12.08 -12.62 -16.85
N PRO A 213 12.91 -11.76 -17.46
CA PRO A 213 14.08 -11.25 -16.75
C PRO A 213 13.76 -10.47 -15.48
N THR A 214 12.64 -9.74 -15.43
CA THR A 214 12.34 -9.04 -14.18
C THR A 214 11.89 -10.02 -13.11
N ILE A 215 11.30 -11.16 -13.52
CA ILE A 215 10.95 -12.18 -12.54
C ILE A 215 12.21 -12.84 -12.01
N LYS A 216 13.20 -13.09 -12.89
CA LYS A 216 14.47 -13.62 -12.41
C LYS A 216 15.19 -12.60 -11.52
N GLU A 217 15.05 -11.32 -11.84
CA GLU A 217 15.57 -10.27 -10.96
C GLU A 217 14.91 -10.34 -9.58
N LEU A 218 13.59 -10.49 -9.53
CA LEU A 218 12.89 -10.63 -8.25
C LEU A 218 13.39 -11.86 -7.50
N GLU A 219 13.54 -12.98 -8.19
CA GLU A 219 14.03 -14.20 -7.54
C GLU A 219 15.37 -13.96 -6.89
N SER A 220 16.27 -13.26 -7.59
CA SER A 220 17.58 -12.97 -7.04
C SER A 220 17.47 -12.12 -5.78
N ILE A 221 16.60 -11.11 -5.79
CA ILE A 221 16.42 -10.30 -4.57
C ILE A 221 15.91 -11.19 -3.43
N ILE A 222 14.88 -11.98 -3.70
CA ILE A 222 14.28 -12.81 -2.67
C ILE A 222 15.30 -13.83 -2.14
N SER A 223 16.04 -14.46 -3.05
CA SER A 223 17.02 -15.47 -2.64
C SER A 223 18.08 -14.88 -1.73
N LYS A 224 18.58 -13.68 -2.06
CA LYS A 224 19.59 -13.04 -1.22
C LYS A 224 19.08 -12.70 0.17
N ARG A 225 17.76 -12.65 0.38
CA ARG A 225 17.18 -12.47 1.70
C ARG A 225 16.94 -13.79 2.43
N ASN A 226 17.42 -14.91 1.90
CA ASN A 226 17.21 -16.23 2.52
C ASN A 226 15.73 -16.59 2.60
N ILE A 227 14.97 -16.23 1.57
CA ILE A 227 13.57 -16.60 1.43
C ILE A 227 13.43 -17.38 0.14
N GLN A 228 12.66 -18.45 0.16
CA GLN A 228 12.49 -19.21 -1.07
C GLN A 228 11.54 -18.47 -2.02
N PHE A 229 11.64 -18.81 -3.30
CA PHE A 229 10.82 -18.18 -4.32
C PHE A 229 10.01 -19.23 -5.07
N SER A 230 8.78 -18.86 -5.40
CA SER A 230 7.89 -19.68 -6.21
C SER A 230 7.16 -18.75 -7.16
N CYS A 231 6.84 -19.28 -8.34
CA CYS A 231 6.21 -18.48 -9.37
C CYS A 231 5.22 -19.35 -10.14
N LYS A 232 4.07 -18.78 -10.43
CA LYS A 232 3.01 -19.47 -11.15
C LYS A 232 2.46 -18.55 -12.21
N ASN A 233 2.19 -19.11 -13.38
CA ASN A 233 1.46 -18.40 -14.43
C ASN A 233 -0.04 -18.55 -14.19
N ILE A 234 -0.76 -17.45 -14.28
CA ILE A 234 -2.22 -17.49 -14.31
C ILE A 234 -2.63 -17.05 -15.71
N TYR A 235 -3.03 -18.02 -16.54
CA TYR A 235 -3.18 -17.82 -17.97
C TYR A 235 -4.54 -17.24 -18.35
N ARG A 236 -5.61 -17.60 -17.62
CA ARG A 236 -6.95 -17.10 -17.88
C ARG A 236 -7.45 -16.38 -16.64
N PRO A 237 -7.06 -15.11 -16.44
CA PRO A 237 -7.58 -14.35 -15.28
C PRO A 237 -9.09 -14.42 -15.12
N ASP A 238 -9.84 -14.34 -16.23
CA ASP A 238 -11.28 -14.54 -16.17
C ASP A 238 -11.61 -15.77 -15.34
N LYS A 239 -11.17 -16.94 -15.80
CA LYS A 239 -11.39 -18.19 -15.07
C LYS A 239 -10.45 -18.30 -13.87
C02 Q2C B . 0.22 -2.66 -1.67
C03 Q2C B . 0.76 -3.45 -3.06
C05 Q2C B . 1.64 -2.72 -3.60
C06 Q2C B . 1.03 -1.89 -4.72
C14 Q2C B . -0.44 1.72 -7.27
C15 Q2C B . -0.74 3.17 -6.89
C17 Q2C B . 0.76 4.83 -6.91
C19 Q2C B . 2.93 3.77 -6.70
C21 Q2C B . 4.21 5.58 -6.69
C22 Q2C B . 2.88 5.98 -6.81
C24 Q2C B . 3.55 8.22 -6.86
C26 Q2C B . 5.22 6.58 -6.66
C28 Q2C B . 0.33 4.55 -8.38
C30 Q2C B . -0.83 4.10 -8.23
C35 Q2C B . 0.96 -1.52 -1.52
C37 Q2C B . -1.23 -0.26 -2.08
C39 Q2C B . -0.27 1.97 -2.58
C40 Q2C B . -0.04 3.44 -2.95
C41 Q2C B . 1.32 3.81 -2.90
C42 Q2C B . 1.67 5.16 -3.22
C43 Q2C B . 3.14 5.62 -3.19
C45 Q2C B . 5.63 5.12 -2.90
C46 Q2C B . 6.11 5.47 -1.47
C47 Q2C B . 7.65 5.77 -1.43
C48 Q2C B . 8.46 4.63 -2.05
C50 Q2C B . 10.76 3.98 -1.71
C51 Q2C B . 12.13 4.27 -2.37
C53 Q2C B . 14.41 4.00 -1.84
C54 Q2C B . 7.98 4.28 -3.47
C55 Q2C B . 6.45 4.00 -3.51
C56 Q2C B . 3.49 7.03 -3.52
C57 Q2C B . 2.39 7.99 -3.90
C59 Q2C B . -0.07 8.47 -4.30
C61 Q2C B . 0.64 6.09 -3.59
C62 Q2C B . -0.72 5.69 -3.63
C63 Q2C B . -1.07 4.35 -3.31
C64 Q2C B . 0.77 1.03 -2.22
N18 Q2C B . 2.12 4.86 -6.82
N20 Q2C B . 4.21 4.20 -6.63
N23 Q2C B . 2.59 7.31 -6.88
N25 Q2C B . 4.85 7.86 -6.74
N27 Q2C B . 6.63 6.23 -6.54
N36 Q2C B . 0.18 -0.31 -1.93
N44 Q2C B . 4.19 4.68 -2.82
N58 Q2C B . 0.98 7.53 -3.93
O01 Q2C B . 0.40 -3.49 -0.55
O04 Q2C B . 1.32 -4.75 -2.71
O07 Q2C B . 1.84 -0.77 -4.92
O09 Q2C B . 3.82 -1.78 -6.23
O10 Q2C B . 1.80 -0.93 -7.64
O12 Q2C B . 2.47 0.65 -9.58
O13 Q2C B . 0.89 1.63 -7.74
O16 Q2C B . 0.20 3.64 -6.16
O29 Q2C B . 0.38 5.83 -9.23
O31 Q2C B . -1.85 5.16 -8.00
O32 Q2C B . 0.14 -0.18 -9.46
O33 Q2C B . 3.44 0.66 -6.37
O34 Q2C B . 2.18 -1.73 -2.39
O49 Q2C B . 9.83 5.02 -2.10
O52 Q2C B . 13.11 4.31 -1.38
O60 Q2C B . 2.66 9.09 -4.17
P08 Q2C B . 2.77 -0.69 -6.29
P11 Q2C B . 1.33 0.29 -8.64
S38 Q2C B . -1.70 1.25 -2.54
#